data_8V8E
#
_entry.id   8V8E
#
_cell.length_a   53.476
_cell.length_b   62.641
_cell.length_c   58.583
_cell.angle_alpha   90.00
_cell.angle_beta   100.23
_cell.angle_gamma   90.00
#
_symmetry.space_group_name_H-M   'P 1 21 1'
#
loop_
_entity.id
_entity.type
_entity.pdbx_description
1 polymer '3C-like proteinase nsp5'
2 polymer peptide
3 non-polymer 6-[(6-chloranyl-2-methyl-indazol-5-yl)amino]-3-[(1-methyl-1,2,4-triazol-3-yl)methyl]-1-[[2,4,5-tris(fluoranyl)phenyl]methyl]-1,3,5-triazine-2,4-dione
4 water water
#
loop_
_entity_poly.entity_id
_entity_poly.type
_entity_poly.pdbx_seq_one_letter_code
_entity_poly.pdbx_strand_id
1 'polypeptide(L)'
;SGFRKMAFPSGKVEGCMVQVTCGTTTLNGLWLDDVVYCPRHVICTSEDMLNPNYEDLLIRKSNHNFLVQAGNVQLRVIGH
SMQNCVLKLKVDTANPKTPKYKFVRIQPGQTFSVLACYNGSPSGVYQCAMRPNFTIKGSFLNGSCGSVGFNIDYDCVSFC
YMHHMELPTGVHAGTDLEGNFYGPFVDRQTAQAAGTDTTLEHHHHHH
;
A,B
2 'polypeptide(L)' GTDTTLEHH C
#
loop_
_chem_comp.id
_chem_comp.type
_chem_comp.name
_chem_comp.formula
7YY non-polymer 6-[(6-chloranyl-2-methyl-indazol-5-yl)amino]-3-[(1-methyl-1,2,4-triazol-3-yl)methyl]-1-[[2,4,5-tris(fluoranyl)phenyl]methyl]-1,3,5-triazine-2,4-dione 'C22 H17 Cl F3 N9 O2'
#
# COMPACT_ATOMS: atom_id res chain seq x y z
N MET A 6 27.79 -6.69 -9.82
CA MET A 6 27.35 -7.79 -10.66
C MET A 6 26.49 -8.81 -9.96
N ALA A 7 25.30 -9.02 -10.48
CA ALA A 7 24.41 -10.01 -9.90
C ALA A 7 24.56 -11.34 -10.64
N PHE A 8 24.12 -12.41 -10.00
CA PHE A 8 24.05 -13.71 -10.65
C PHE A 8 22.91 -13.73 -11.68
N PRO A 9 23.07 -14.50 -12.75
CA PRO A 9 21.93 -14.69 -13.67
C PRO A 9 20.76 -15.26 -12.89
N SER A 10 19.56 -14.76 -13.18
CA SER A 10 18.38 -15.03 -12.35
C SER A 10 17.49 -16.14 -12.91
N GLY A 11 17.80 -16.68 -14.11
CA GLY A 11 16.92 -17.63 -14.77
C GLY A 11 16.47 -18.78 -13.87
N LYS A 12 17.37 -19.32 -13.06
CA LYS A 12 17.02 -20.47 -12.23
C LYS A 12 16.02 -20.10 -11.14
N VAL A 13 16.01 -18.85 -10.72
CA VAL A 13 15.09 -18.44 -9.66
C VAL A 13 13.76 -17.93 -10.22
N GLU A 14 13.77 -17.36 -11.43
CA GLU A 14 12.54 -16.83 -12.01
C GLU A 14 11.46 -17.89 -12.09
N GLY A 15 11.84 -19.13 -12.45
CA GLY A 15 10.90 -20.22 -12.58
C GLY A 15 10.29 -20.73 -11.29
N CYS A 16 10.70 -20.17 -10.15
CA CYS A 16 10.22 -20.60 -8.84
C CYS A 16 9.28 -19.60 -8.21
N MET A 17 9.08 -18.44 -8.81
CA MET A 17 8.32 -17.37 -8.16
C MET A 17 6.83 -17.57 -8.43
N VAL A 18 6.00 -17.44 -7.39
CA VAL A 18 4.55 -17.52 -7.53
C VAL A 18 3.87 -16.38 -6.75
N GLN A 19 2.59 -16.20 -7.04
CA GLN A 19 1.79 -15.23 -6.30
C GLN A 19 0.94 -15.99 -5.29
N VAL A 20 0.88 -15.45 -4.07
CA VAL A 20 0.09 -16.02 -2.98
C VAL A 20 -0.88 -14.97 -2.49
N THR A 21 -2.17 -15.33 -2.44
CA THR A 21 -3.21 -14.42 -1.98
C THR A 21 -4.02 -15.12 -0.90
N CYS A 22 -4.31 -14.39 0.17
CA CYS A 22 -5.19 -14.85 1.22
C CYS A 22 -6.19 -13.73 1.48
N GLY A 23 -7.44 -13.92 1.05
CA GLY A 23 -8.40 -12.83 1.11
C GLY A 23 -8.00 -11.66 0.21
N THR A 24 -7.74 -10.50 0.79
CA THR A 24 -7.31 -9.38 -0.03
C THR A 24 -5.81 -9.13 0.04
N THR A 25 -5.08 -9.90 0.83
CA THR A 25 -3.66 -9.69 1.03
C THR A 25 -2.88 -10.56 0.05
N THR A 26 -1.89 -9.98 -0.62
CA THR A 26 -1.20 -10.70 -1.66
C THR A 26 0.30 -10.40 -1.60
N LEU A 27 1.12 -11.38 -1.94
CA LEU A 27 2.56 -11.16 -1.95
C LEU A 27 3.20 -12.28 -2.76
N ASN A 28 4.51 -12.38 -2.70
CA ASN A 28 5.28 -13.33 -3.52
C ASN A 28 5.61 -14.56 -2.69
N GLY A 29 5.65 -15.71 -3.38
CA GLY A 29 6.07 -16.95 -2.76
C GLY A 29 7.11 -17.66 -3.61
N LEU A 30 7.81 -18.58 -2.98
CA LEU A 30 8.89 -19.37 -3.60
C LEU A 30 8.45 -20.82 -3.69
N TRP A 31 8.38 -21.37 -4.90
CA TRP A 31 7.82 -22.69 -5.16
C TRP A 31 8.96 -23.65 -5.49
N LEU A 32 9.25 -24.58 -4.58
CA LEU A 32 10.35 -25.54 -4.71
C LEU A 32 9.80 -26.92 -4.41
N ASP A 33 9.99 -27.87 -5.34
CA ASP A 33 9.37 -29.19 -5.21
C ASP A 33 7.87 -28.94 -5.05
N ASP A 34 7.19 -29.57 -4.09
CA ASP A 34 5.77 -29.33 -3.90
C ASP A 34 5.47 -28.45 -2.70
N VAL A 35 6.34 -27.50 -2.39
CA VAL A 35 6.12 -26.60 -1.26
C VAL A 35 6.26 -25.16 -1.74
N VAL A 36 5.39 -24.29 -1.25
CA VAL A 36 5.48 -22.86 -1.49
C VAL A 36 5.81 -22.20 -0.17
N TYR A 37 6.90 -21.42 -0.16
CA TYR A 37 7.37 -20.68 1.01
C TYR A 37 7.02 -19.22 0.81
N CYS A 38 6.40 -18.60 1.82
CA CYS A 38 6.09 -17.18 1.74
C CYS A 38 6.05 -16.60 3.14
N PRO A 39 6.13 -15.27 3.26
CA PRO A 39 6.01 -14.64 4.59
C PRO A 39 4.64 -14.95 5.20
N ARG A 40 4.63 -15.27 6.49
CA ARG A 40 3.34 -15.54 7.14
C ARG A 40 2.48 -14.29 7.24
N HIS A 41 3.05 -13.10 7.04
CA HIS A 41 2.24 -11.87 7.04
C HIS A 41 1.04 -11.97 6.09
N VAL A 42 1.10 -12.85 5.09
CA VAL A 42 0.00 -12.98 4.13
C VAL A 42 -1.34 -13.34 4.80
N ILE A 43 -1.34 -13.94 5.99
CA ILE A 43 -2.62 -14.35 6.57
C ILE A 43 -3.28 -13.21 7.33
N CYS A 44 -2.70 -12.01 7.28
CA CYS A 44 -3.28 -10.85 7.96
C CYS A 44 -4.21 -10.13 7.01
N THR A 45 -5.41 -9.79 7.49
CA THR A 45 -6.17 -8.74 6.82
C THR A 45 -5.57 -7.37 7.19
N SER A 46 -6.08 -6.31 6.56
CA SER A 46 -5.53 -5.00 6.83
C SER A 46 -5.60 -4.65 8.30
N GLU A 47 -6.71 -5.01 8.96
CA GLU A 47 -6.87 -4.69 10.38
C GLU A 47 -5.84 -5.43 11.24
N ASP A 48 -5.49 -6.67 10.86
CA ASP A 48 -4.57 -7.48 11.65
C ASP A 48 -3.11 -7.05 11.52
N MET A 49 -2.74 -6.29 10.48
CA MET A 49 -1.32 -6.14 10.16
C MET A 49 -0.55 -5.40 11.25
N LEU A 50 -1.24 -4.54 12.01
CA LEU A 50 -0.57 -3.73 13.02
C LEU A 50 -0.11 -4.57 14.20
N ASN A 51 -0.98 -5.44 14.70
CA ASN A 51 -0.68 -6.28 15.86
C ASN A 51 -1.25 -7.68 15.65
N PRO A 52 -0.62 -8.48 14.78
CA PRO A 52 -1.18 -9.80 14.48
C PRO A 52 -0.95 -10.79 15.61
N ASN A 53 -1.98 -11.58 15.91
CA ASN A 53 -1.84 -12.81 16.70
C ASN A 53 -1.81 -13.96 15.68
N TYR A 54 -0.59 -14.37 15.29
CA TYR A 54 -0.45 -15.32 14.20
C TYR A 54 -0.97 -16.71 14.55
N GLU A 55 -0.78 -17.17 15.80
CA GLU A 55 -1.30 -18.49 16.15
C GLU A 55 -2.80 -18.54 15.94
N ASP A 56 -3.50 -17.49 16.35
CA ASP A 56 -4.94 -17.47 16.24
C ASP A 56 -5.40 -17.36 14.79
N LEU A 57 -4.70 -16.55 13.98
CA LEU A 57 -5.04 -16.45 12.56
C LEU A 57 -4.83 -17.78 11.83
N LEU A 58 -3.73 -18.47 12.11
CA LEU A 58 -3.47 -19.79 11.54
C LEU A 58 -4.65 -20.74 11.76
N ILE A 59 -5.19 -20.77 12.98
CA ILE A 59 -6.34 -21.64 13.28
C ILE A 59 -7.51 -21.33 12.35
N ARG A 60 -7.75 -20.05 12.07
CA ARG A 60 -8.94 -19.67 11.32
C ARG A 60 -8.87 -20.00 9.84
N LYS A 61 -7.69 -20.24 9.29
CA LYS A 61 -7.55 -20.43 7.85
C LYS A 61 -7.60 -21.91 7.50
N SER A 62 -8.28 -22.22 6.38
CA SER A 62 -8.26 -23.54 5.77
C SER A 62 -7.43 -23.49 4.49
N ASN A 63 -7.11 -24.67 3.98
CA ASN A 63 -6.33 -24.77 2.74
C ASN A 63 -6.95 -23.95 1.61
N HIS A 64 -8.28 -24.00 1.48
CA HIS A 64 -8.92 -23.33 0.35
C HIS A 64 -8.97 -21.82 0.50
N ASN A 65 -8.53 -21.26 1.63
CA ASN A 65 -8.42 -19.81 1.75
C ASN A 65 -7.13 -19.25 1.15
N PHE A 66 -6.23 -20.11 0.69
CA PHE A 66 -5.03 -19.69 0.01
C PHE A 66 -5.20 -19.87 -1.50
N LEU A 67 -4.93 -18.82 -2.25
CA LEU A 67 -4.94 -18.84 -3.70
C LEU A 67 -3.49 -18.70 -4.16
N VAL A 68 -2.94 -19.75 -4.76
CA VAL A 68 -1.56 -19.76 -5.24
C VAL A 68 -1.60 -19.81 -6.76
N GLN A 69 -0.91 -18.87 -7.41
CA GLN A 69 -0.93 -18.79 -8.87
C GLN A 69 0.50 -18.76 -9.40
N ALA A 70 0.81 -19.68 -10.31
CA ALA A 70 2.05 -19.66 -11.07
C ALA A 70 1.68 -19.17 -12.46
N GLY A 71 1.96 -17.91 -12.73
CA GLY A 71 1.46 -17.31 -13.96
C GLY A 71 -0.06 -17.34 -13.96
N ASN A 72 -0.63 -18.01 -14.96
CA ASN A 72 -2.08 -18.12 -15.08
C ASN A 72 -2.63 -19.39 -14.44
N VAL A 73 -1.77 -20.26 -13.92
CA VAL A 73 -2.16 -21.57 -13.43
C VAL A 73 -2.32 -21.49 -11.92
N GLN A 74 -3.53 -21.78 -11.45
CA GLN A 74 -3.78 -21.93 -10.03
C GLN A 74 -3.28 -23.28 -9.55
N LEU A 75 -2.59 -23.28 -8.41
CA LEU A 75 -2.12 -24.49 -7.76
C LEU A 75 -3.01 -24.81 -6.56
N ARG A 76 -3.36 -26.08 -6.40
CA ARG A 76 -4.21 -26.50 -5.29
C ARG A 76 -3.40 -26.67 -4.01
N VAL A 77 -3.78 -25.92 -2.96
CA VAL A 77 -3.12 -26.05 -1.65
C VAL A 77 -3.75 -27.24 -0.91
N ILE A 78 -2.92 -28.19 -0.52
CA ILE A 78 -3.40 -29.38 0.17
C ILE A 78 -2.89 -29.49 1.60
N GLY A 79 -2.15 -28.51 2.08
CA GLY A 79 -1.72 -28.47 3.48
C GLY A 79 -0.99 -27.16 3.73
N HIS A 80 -0.93 -26.78 5.01
CA HIS A 80 -0.22 -25.55 5.37
C HIS A 80 0.34 -25.64 6.78
N SER A 81 1.51 -25.05 6.99
CA SER A 81 2.08 -25.02 8.33
C SER A 81 2.92 -23.77 8.48
N MET A 82 3.20 -23.41 9.72
CA MET A 82 3.95 -22.20 10.02
C MET A 82 5.28 -22.60 10.64
N GLN A 83 6.37 -22.03 10.13
CA GLN A 83 7.71 -22.26 10.68
C GLN A 83 8.32 -20.88 10.94
N ASN A 84 8.36 -20.48 12.21
CA ASN A 84 8.86 -19.15 12.59
C ASN A 84 8.05 -18.12 11.82
N CYS A 85 8.66 -17.26 11.00
CA CYS A 85 7.92 -16.23 10.28
C CYS A 85 7.61 -16.61 8.83
N VAL A 86 7.79 -17.87 8.45
CA VAL A 86 7.44 -18.29 7.10
CA VAL A 86 7.48 -18.33 7.10
C VAL A 86 6.27 -19.25 7.19
N LEU A 87 5.40 -19.17 6.19
CA LEU A 87 4.34 -20.13 5.98
C LEU A 87 4.82 -21.13 4.93
N LYS A 88 4.52 -22.41 5.14
CA LYS A 88 4.82 -23.41 4.12
C LYS A 88 3.51 -23.99 3.63
N LEU A 89 3.25 -23.84 2.32
CA LEU A 89 2.02 -24.32 1.70
C LEU A 89 2.35 -25.56 0.88
N LYS A 90 1.75 -26.68 1.25
CA LYS A 90 1.94 -27.92 0.50
C LYS A 90 0.95 -27.88 -0.65
N VAL A 91 1.45 -28.00 -1.89
CA VAL A 91 0.60 -27.97 -3.06
C VAL A 91 0.62 -29.34 -3.72
N ASP A 92 -0.32 -29.57 -4.63
CA ASP A 92 -0.49 -30.89 -5.21
C ASP A 92 0.36 -31.11 -6.45
N THR A 93 1.21 -30.13 -6.82
CA THR A 93 2.02 -30.19 -8.04
C THR A 93 3.45 -29.80 -7.72
N ALA A 94 4.40 -30.64 -8.12
CA ALA A 94 5.79 -30.27 -7.93
C ALA A 94 6.22 -29.33 -9.05
N ASN A 95 7.05 -28.35 -8.71
CA ASN A 95 7.54 -27.38 -9.68
C ASN A 95 8.51 -28.04 -10.65
N PRO A 96 8.18 -28.19 -11.93
CA PRO A 96 9.13 -28.88 -12.82
C PRO A 96 10.43 -28.11 -13.04
N LYS A 97 10.48 -26.81 -12.73
CA LYS A 97 11.69 -26.03 -12.84
C LYS A 97 12.45 -25.89 -11.52
N THR A 98 12.18 -26.75 -10.54
CA THR A 98 12.94 -26.70 -9.29
C THR A 98 14.42 -26.96 -9.58
N PRO A 99 15.32 -26.01 -9.31
CA PRO A 99 16.75 -26.26 -9.50
C PRO A 99 17.29 -27.06 -8.31
N LYS A 100 18.57 -27.34 -8.33
CA LYS A 100 19.23 -27.91 -7.17
C LYS A 100 19.36 -26.70 -6.25
N TYR A 101 19.10 -26.87 -4.95
CA TYR A 101 19.07 -25.73 -4.05
C TYR A 101 19.40 -26.14 -2.63
N LYS A 102 19.80 -25.15 -1.84
CA LYS A 102 19.90 -25.31 -0.40
C LYS A 102 19.53 -23.98 0.24
N PHE A 103 19.20 -24.05 1.53
CA PHE A 103 18.92 -22.88 2.34
C PHE A 103 20.13 -22.59 3.20
N VAL A 104 20.55 -21.33 3.26
CA VAL A 104 21.71 -20.97 4.08
C VAL A 104 21.46 -19.62 4.72
N ARG A 105 22.09 -19.42 5.88
CA ARG A 105 22.01 -18.17 6.63
C ARG A 105 23.31 -17.41 6.46
N ILE A 106 23.23 -16.17 6.03
CA ILE A 106 24.42 -15.39 5.76
C ILE A 106 24.74 -14.48 6.95
N GLN A 107 25.92 -13.89 6.93
CA GLN A 107 26.44 -13.02 7.97
C GLN A 107 26.55 -11.60 7.44
N PRO A 108 26.59 -10.59 8.30
CA PRO A 108 26.90 -9.23 7.83
C PRO A 108 28.19 -9.20 7.02
N GLY A 109 28.24 -8.33 6.03
CA GLY A 109 29.36 -8.27 5.13
C GLY A 109 29.24 -9.13 3.89
N GLN A 110 28.44 -10.18 3.93
CA GLN A 110 28.27 -11.04 2.76
C GLN A 110 27.29 -10.42 1.78
N THR A 111 27.54 -10.66 0.50
CA THR A 111 26.68 -10.14 -0.56
C THR A 111 25.81 -11.26 -1.13
N PHE A 112 24.71 -10.86 -1.77
CA PHE A 112 23.85 -11.81 -2.44
C PHE A 112 23.10 -11.07 -3.55
N SER A 113 22.58 -11.83 -4.51
CA SER A 113 21.68 -11.28 -5.51
C SER A 113 20.23 -11.31 -5.02
N VAL A 114 19.47 -10.27 -5.37
CA VAL A 114 18.04 -10.18 -5.08
C VAL A 114 17.28 -10.18 -6.40
N LEU A 115 16.26 -11.03 -6.49
CA LEU A 115 15.28 -10.98 -7.58
C LEU A 115 14.05 -10.25 -7.05
N ALA A 116 13.92 -8.97 -7.37
CA ALA A 116 12.74 -8.23 -6.97
C ALA A 116 11.54 -8.64 -7.83
N CYS A 117 10.43 -8.95 -7.17
CA CYS A 117 9.22 -9.42 -7.82
C CYS A 117 8.03 -8.60 -7.35
N TYR A 118 7.01 -8.51 -8.20
CA TYR A 118 5.78 -7.81 -7.88
C TYR A 118 4.62 -8.69 -8.30
N ASN A 119 3.77 -9.06 -7.33
CA ASN A 119 2.58 -9.86 -7.64
C ASN A 119 2.92 -11.18 -8.30
N GLY A 120 4.02 -11.81 -7.85
CA GLY A 120 4.46 -13.08 -8.42
C GLY A 120 5.29 -13.00 -9.69
N SER A 121 5.59 -11.82 -10.21
CA SER A 121 6.31 -11.75 -11.50
C SER A 121 7.66 -11.06 -11.34
N PRO A 122 8.75 -11.71 -11.75
CA PRO A 122 10.08 -11.11 -11.59
C PRO A 122 10.18 -9.76 -12.28
N SER A 123 10.86 -8.82 -11.63
CA SER A 123 10.92 -7.44 -12.06
C SER A 123 12.33 -6.92 -12.30
N GLY A 124 13.28 -7.24 -11.42
CA GLY A 124 14.66 -6.84 -11.61
C GLY A 124 15.58 -7.68 -10.76
N VAL A 125 16.88 -7.55 -11.04
CA VAL A 125 17.91 -8.27 -10.30
CA VAL A 125 17.91 -8.27 -10.30
C VAL A 125 19.02 -7.29 -9.95
N TYR A 126 19.56 -7.43 -8.74
CA TYR A 126 20.67 -6.59 -8.32
C TYR A 126 21.34 -7.26 -7.12
N GLN A 127 22.50 -6.71 -6.78
CA GLN A 127 23.35 -7.26 -5.74
C GLN A 127 23.23 -6.38 -4.50
N CYS A 128 23.12 -6.99 -3.32
CA CYS A 128 23.04 -6.30 -2.03
CA CYS A 128 23.16 -6.19 -2.09
C CYS A 128 24.11 -6.84 -1.09
N ALA A 129 24.33 -6.11 -0.01
CA ALA A 129 25.20 -6.52 1.08
C ALA A 129 24.44 -6.37 2.38
N MET A 130 24.56 -7.36 3.27
CA MET A 130 24.00 -7.24 4.60
CA MET A 130 23.99 -7.22 4.59
C MET A 130 24.88 -6.32 5.44
N ARG A 131 24.27 -5.30 6.04
CA ARG A 131 24.98 -4.35 6.88
C ARG A 131 25.16 -4.94 8.28
N PRO A 132 26.02 -4.29 9.09
CA PRO A 132 26.33 -4.84 10.43
C PRO A 132 25.15 -4.94 11.36
N ASN A 133 24.16 -4.07 11.20
CA ASN A 133 22.93 -4.13 11.99
C ASN A 133 21.85 -5.02 11.33
N PHE A 134 22.26 -5.85 10.38
CA PHE A 134 21.41 -6.88 9.76
C PHE A 134 20.31 -6.30 8.87
N THR A 135 20.39 -5.03 8.47
CA THR A 135 19.52 -4.49 7.44
C THR A 135 20.27 -4.47 6.11
N ILE A 136 19.52 -4.34 5.02
CA ILE A 136 20.12 -4.22 3.70
C ILE A 136 19.55 -2.98 3.03
N LYS A 137 20.37 -2.30 2.23
CA LYS A 137 19.92 -1.15 1.47
C LYS A 137 19.48 -1.67 0.12
N GLY A 138 18.24 -2.17 0.06
CA GLY A 138 17.73 -2.77 -1.15
C GLY A 138 17.02 -1.76 -2.01
N SER A 139 16.51 -2.25 -3.13
CA SER A 139 15.68 -1.47 -4.05
C SER A 139 14.35 -2.22 -4.15
N PHE A 140 13.43 -1.87 -3.27
CA PHE A 140 12.17 -2.57 -3.14
C PHE A 140 11.03 -1.57 -3.09
N LEU A 141 9.98 -1.86 -3.81
CA LEU A 141 8.77 -1.04 -3.78
C LEU A 141 7.66 -1.87 -3.16
N ASN A 142 6.47 -1.26 -3.07
CA ASN A 142 5.30 -1.99 -2.63
C ASN A 142 5.06 -3.20 -3.53
N GLY A 143 4.53 -4.27 -2.93
CA GLY A 143 4.31 -5.52 -3.62
C GLY A 143 5.50 -6.46 -3.66
N SER A 144 6.64 -6.09 -3.07
CA SER A 144 7.87 -6.87 -3.19
C SER A 144 8.05 -7.89 -2.06
N CYS A 145 7.17 -7.87 -1.06
CA CYS A 145 7.23 -8.82 0.06
C CYS A 145 7.28 -10.25 -0.46
N GLY A 146 8.18 -11.06 0.08
CA GLY A 146 8.43 -12.41 -0.42
C GLY A 146 9.49 -12.56 -1.51
N SER A 147 10.02 -11.46 -2.08
CA SER A 147 11.15 -11.55 -2.99
C SER A 147 12.35 -12.19 -2.27
N VAL A 148 13.17 -12.92 -3.02
CA VAL A 148 14.22 -13.72 -2.39
C VAL A 148 15.58 -13.23 -2.84
N GLY A 149 16.57 -13.43 -1.96
CA GLY A 149 17.98 -13.27 -2.29
C GLY A 149 18.66 -14.62 -2.34
N PHE A 150 19.71 -14.71 -3.16
CA PHE A 150 20.34 -15.99 -3.45
C PHE A 150 21.78 -15.76 -3.91
N ASN A 151 22.58 -16.84 -3.85
CA ASN A 151 23.86 -16.95 -4.56
C ASN A 151 23.84 -18.23 -5.37
N ILE A 152 24.67 -18.29 -6.42
CA ILE A 152 24.83 -19.50 -7.24
C ILE A 152 26.19 -20.10 -6.96
N ASP A 153 26.19 -21.39 -6.59
CA ASP A 153 27.39 -22.14 -6.18
C ASP A 153 27.53 -23.33 -7.11
N TYR A 154 28.03 -23.08 -8.32
CA TYR A 154 28.07 -24.06 -9.40
C TYR A 154 26.67 -24.29 -9.96
N ASP A 155 26.16 -25.51 -9.84
CA ASP A 155 24.80 -25.81 -10.29
C ASP A 155 23.75 -25.57 -9.21
N CYS A 156 24.16 -25.07 -8.05
CA CYS A 156 23.31 -25.07 -6.87
C CYS A 156 22.93 -23.64 -6.51
N VAL A 157 21.65 -23.40 -6.26
CA VAL A 157 21.16 -22.09 -5.81
C VAL A 157 21.10 -22.10 -4.29
N SER A 158 21.82 -21.19 -3.64
CA SER A 158 21.73 -20.99 -2.20
C SER A 158 20.74 -19.85 -1.92
N PHE A 159 19.57 -20.20 -1.40
CA PHE A 159 18.61 -19.19 -0.95
C PHE A 159 18.97 -18.71 0.44
N CYS A 160 19.20 -17.40 0.60
CA CYS A 160 19.60 -16.87 1.89
C CYS A 160 18.70 -15.81 2.48
N TYR A 161 17.72 -15.27 1.73
CA TYR A 161 16.99 -14.09 2.19
C TYR A 161 15.59 -14.11 1.61
N MET A 162 14.60 -13.84 2.46
CA MET A 162 13.25 -13.58 1.99
C MET A 162 12.82 -12.23 2.52
N HIS A 163 12.44 -11.35 1.61
CA HIS A 163 12.14 -9.97 1.97
C HIS A 163 10.82 -9.87 2.73
N HIS A 164 10.81 -9.15 3.87
CA HIS A 164 9.55 -8.86 4.55
C HIS A 164 9.16 -7.39 4.50
N MET A 165 10.01 -6.46 4.94
CA MET A 165 9.49 -5.15 5.25
C MET A 165 10.54 -4.07 5.02
N GLU A 166 10.06 -2.87 4.69
CA GLU A 166 10.89 -1.67 4.69
C GLU A 166 10.75 -0.99 6.04
N LEU A 167 11.89 -0.58 6.63
CA LEU A 167 11.93 0.12 7.91
C LEU A 167 11.79 1.63 7.71
N PRO A 168 11.48 2.37 8.78
CA PRO A 168 11.23 3.82 8.63
C PRO A 168 12.35 4.59 7.94
N THR A 169 13.60 4.19 8.10
CA THR A 169 14.69 4.90 7.44
C THR A 169 14.95 4.45 6.00
N GLY A 170 14.13 3.54 5.47
CA GLY A 170 14.24 3.14 4.08
C GLY A 170 15.16 1.97 3.80
N VAL A 171 15.77 1.37 4.81
CA VAL A 171 16.47 0.09 4.65
C VAL A 171 15.46 -1.04 4.84
N HIS A 172 15.90 -2.28 4.60
CA HIS A 172 15.00 -3.42 4.48
C HIS A 172 15.40 -4.54 5.40
N ALA A 173 14.42 -5.35 5.78
CA ALA A 173 14.60 -6.43 6.75
C ALA A 173 13.81 -7.65 6.31
N GLY A 174 14.34 -8.83 6.63
CA GLY A 174 13.71 -10.07 6.25
C GLY A 174 14.33 -11.24 6.97
N THR A 175 14.00 -12.44 6.49
CA THR A 175 14.33 -13.67 7.18
C THR A 175 15.19 -14.57 6.30
N ASP A 176 15.78 -15.59 6.92
CA ASP A 176 16.29 -16.68 6.13
C ASP A 176 15.12 -17.54 5.69
N LEU A 177 15.40 -18.62 4.98
CA LEU A 177 14.30 -19.42 4.44
C LEU A 177 13.71 -20.37 5.50
N GLU A 178 14.26 -20.38 6.71
CA GLU A 178 13.60 -21.07 7.81
C GLU A 178 12.73 -20.15 8.64
N GLY A 179 12.56 -18.90 8.23
CA GLY A 179 11.65 -17.99 8.89
C GLY A 179 12.23 -17.20 10.04
N ASN A 180 13.55 -17.24 10.23
CA ASN A 180 14.19 -16.54 11.34
C ASN A 180 14.71 -15.19 10.85
N PHE A 181 14.29 -14.12 11.51
CA PHE A 181 14.72 -12.81 11.09
C PHE A 181 16.24 -12.66 11.18
N TYR A 182 16.77 -11.89 10.25
CA TYR A 182 18.10 -11.31 10.40
C TYR A 182 17.91 -10.05 11.24
N GLY A 183 18.50 -10.01 12.43
CA GLY A 183 18.33 -8.86 13.30
C GLY A 183 17.15 -8.98 14.24
N PRO A 184 16.98 -7.96 15.12
CA PRO A 184 15.98 -8.01 16.20
C PRO A 184 14.61 -7.47 15.80
N PHE A 185 14.09 -7.92 14.65
CA PHE A 185 12.85 -7.37 14.12
C PHE A 185 11.71 -8.37 14.30
N VAL A 186 10.48 -7.88 14.16
CA VAL A 186 9.31 -8.74 14.22
C VAL A 186 8.38 -8.40 13.06
N ASP A 187 7.57 -9.37 12.63
CA ASP A 187 6.81 -9.17 11.39
C ASP A 187 5.44 -8.54 11.71
N ARG A 188 5.48 -7.24 11.98
CA ARG A 188 4.31 -6.42 12.26
C ARG A 188 4.51 -5.06 11.62
N GLN A 189 3.39 -4.38 11.36
CA GLN A 189 3.41 -3.08 10.67
C GLN A 189 3.55 -1.95 11.69
N THR A 190 4.69 -1.92 12.35
CA THR A 190 5.05 -0.80 13.23
C THR A 190 6.44 -0.27 12.87
N ARG B 4 -19.73 29.83 13.28
CA ARG B 4 -19.54 28.62 14.08
C ARG B 4 -18.10 28.37 14.49
N LYS B 5 -17.83 28.26 15.80
CA LYS B 5 -16.51 27.83 16.27
C LYS B 5 -16.53 26.44 16.88
N MET B 6 -17.62 25.70 16.72
CA MET B 6 -17.72 24.30 17.12
C MET B 6 -17.85 23.46 15.85
N ALA B 7 -17.11 22.34 15.80
CA ALA B 7 -17.14 21.49 14.61
C ALA B 7 -18.48 20.80 14.47
N PHE B 8 -18.85 20.47 13.23
CA PHE B 8 -19.99 19.60 13.00
C PHE B 8 -19.65 18.14 13.37
N PRO B 9 -20.66 17.35 13.72
CA PRO B 9 -20.43 15.90 13.90
C PRO B 9 -19.93 15.29 12.60
N SER B 10 -18.98 14.37 12.69
CA SER B 10 -18.26 13.92 11.51
C SER B 10 -18.77 12.61 10.96
N GLY B 11 -19.75 11.97 11.61
CA GLY B 11 -20.11 10.60 11.27
C GLY B 11 -20.43 10.38 9.80
N LYS B 12 -21.17 11.31 9.17
CA LYS B 12 -21.53 11.11 7.77
C LYS B 12 -20.33 11.15 6.85
N VAL B 13 -19.27 11.89 7.21
CA VAL B 13 -18.07 11.94 6.39
C VAL B 13 -17.14 10.76 6.68
N GLU B 14 -17.11 10.27 7.93
CA GLU B 14 -16.21 9.16 8.26
C GLU B 14 -16.43 7.97 7.36
N GLY B 15 -17.69 7.68 7.04
CA GLY B 15 -17.97 6.54 6.19
C GLY B 15 -17.63 6.73 4.73
N CYS B 16 -17.05 7.87 4.35
CA CYS B 16 -16.65 8.14 2.97
C CYS B 16 -15.14 8.16 2.80
N MET B 17 -14.39 8.04 3.88
CA MET B 17 -12.94 8.17 3.82
C MET B 17 -12.32 6.82 3.43
N VAL B 18 -11.41 6.84 2.45
CA VAL B 18 -10.70 5.64 2.02
C VAL B 18 -9.21 5.96 1.97
N GLN B 19 -8.41 4.91 1.84
CA GLN B 19 -7.00 5.07 1.60
C GLN B 19 -6.72 4.81 0.12
N VAL B 20 -5.90 5.68 -0.48
CA VAL B 20 -5.51 5.52 -1.88
C VAL B 20 -4.00 5.38 -1.96
N THR B 21 -3.53 4.34 -2.66
CA THR B 21 -2.10 4.08 -2.84
C THR B 21 -1.82 3.91 -4.33
N CYS B 22 -0.79 4.61 -4.83
CA CYS B 22 -0.33 4.47 -6.20
C CYS B 22 1.18 4.28 -6.15
N GLY B 23 1.63 3.06 -6.40
CA GLY B 23 3.05 2.77 -6.21
C GLY B 23 3.34 2.75 -4.74
N THR B 24 4.24 3.60 -4.27
CA THR B 24 4.48 3.76 -2.84
C THR B 24 3.92 5.06 -2.28
N THR B 25 3.23 5.86 -3.10
CA THR B 25 2.60 7.10 -2.66
C THR B 25 1.22 6.80 -2.10
N THR B 26 0.96 7.22 -0.87
CA THR B 26 -0.31 6.96 -0.21
C THR B 26 -0.89 8.26 0.34
N LEU B 27 -2.22 8.36 0.30
CA LEU B 27 -2.90 9.51 0.91
C LEU B 27 -4.38 9.15 1.06
N ASN B 28 -5.19 10.15 1.40
CA ASN B 28 -6.61 9.90 1.67
C ASN B 28 -7.46 10.19 0.43
N GLY B 29 -8.61 9.49 0.36
CA GLY B 29 -9.58 9.74 -0.69
C GLY B 29 -10.98 9.82 -0.12
N LEU B 30 -11.87 10.45 -0.91
CA LEU B 30 -13.28 10.62 -0.56
C LEU B 30 -14.14 9.81 -1.53
N TRP B 31 -14.91 8.86 -1.00
CA TRP B 31 -15.63 7.87 -1.81
C TRP B 31 -17.11 8.22 -1.76
N LEU B 32 -17.63 8.73 -2.88
CA LEU B 32 -19.03 9.07 -3.01
C LEU B 32 -19.56 8.36 -4.23
N ASP B 33 -20.72 7.73 -4.09
CA ASP B 33 -21.29 6.96 -5.22
C ASP B 33 -20.21 5.98 -5.67
N ASP B 34 -19.91 5.87 -6.96
CA ASP B 34 -18.88 4.96 -7.44
C ASP B 34 -17.58 5.68 -7.82
N VAL B 35 -17.29 6.81 -7.18
CA VAL B 35 -16.11 7.62 -7.52
C VAL B 35 -15.30 7.91 -6.26
N VAL B 36 -13.99 7.83 -6.37
CA VAL B 36 -13.08 8.24 -5.31
C VAL B 36 -12.36 9.48 -5.80
N TYR B 37 -12.49 10.57 -5.03
CA TYR B 37 -11.81 11.83 -5.30
C TYR B 37 -10.54 11.89 -4.46
N CYS B 38 -9.43 12.29 -5.05
CA CYS B 38 -8.23 12.48 -4.26
C CYS B 38 -7.29 13.43 -4.99
N PRO B 39 -6.30 13.98 -4.28
CA PRO B 39 -5.31 14.85 -4.93
C PRO B 39 -4.57 14.12 -6.03
N ARG B 40 -4.40 14.77 -7.18
CA ARG B 40 -3.74 14.10 -8.30
C ARG B 40 -2.26 13.84 -8.02
N HIS B 41 -1.70 14.55 -7.04
CA HIS B 41 -0.32 14.34 -6.62
C HIS B 41 -0.01 12.88 -6.32
N VAL B 42 -1.04 12.06 -6.06
CA VAL B 42 -0.83 10.67 -5.73
C VAL B 42 -0.11 9.91 -6.85
N ILE B 43 -0.20 10.37 -8.10
CA ILE B 43 0.42 9.63 -9.20
C ILE B 43 1.89 9.98 -9.41
N CYS B 44 2.44 10.89 -8.61
CA CYS B 44 3.86 11.18 -8.65
C CYS B 44 4.64 10.19 -7.79
N THR B 45 5.78 9.73 -8.34
CA THR B 45 6.80 9.13 -7.50
C THR B 45 7.60 10.27 -6.86
N SER B 46 8.55 9.91 -5.99
CA SER B 46 9.20 10.95 -5.18
C SER B 46 9.99 11.93 -6.03
N GLU B 47 10.53 11.47 -7.18
CA GLU B 47 11.24 12.35 -8.09
C GLU B 47 10.30 13.14 -9.00
N ASP B 48 9.06 12.67 -9.17
CA ASP B 48 8.07 13.42 -9.93
C ASP B 48 7.55 14.63 -9.15
N MET B 49 7.43 14.51 -7.83
CA MET B 49 6.66 15.50 -7.07
C MET B 49 7.28 16.89 -7.14
N LEU B 50 8.52 17.00 -7.60
CA LEU B 50 9.18 18.28 -7.75
C LEU B 50 8.45 19.15 -8.77
N ASN B 51 8.55 18.77 -10.06
CA ASN B 51 7.87 19.48 -11.13
C ASN B 51 7.18 18.43 -12.01
N PRO B 52 5.98 18.02 -11.65
CA PRO B 52 5.35 16.89 -12.33
C PRO B 52 4.75 17.26 -13.68
N ASN B 53 4.86 16.34 -14.63
CA ASN B 53 4.11 16.40 -15.88
C ASN B 53 2.89 15.50 -15.74
N TYR B 54 1.80 16.09 -15.22
CA TYR B 54 0.64 15.29 -14.86
C TYR B 54 -0.04 14.65 -16.06
N GLU B 55 -0.06 15.32 -17.23
CA GLU B 55 -0.62 14.67 -18.41
C GLU B 55 0.11 13.38 -18.74
N ASP B 56 1.45 13.39 -18.70
CA ASP B 56 2.22 12.18 -18.99
C ASP B 56 1.98 11.12 -17.92
N LEU B 57 2.04 11.52 -16.64
CA LEU B 57 1.87 10.58 -15.55
C LEU B 57 0.51 9.88 -15.62
N LEU B 58 -0.55 10.64 -15.92
CA LEU B 58 -1.88 10.03 -16.02
C LEU B 58 -1.87 8.86 -17.01
N ILE B 59 -1.24 9.04 -18.17
CA ILE B 59 -1.14 7.98 -19.19
C ILE B 59 -0.25 6.84 -18.73
N ARG B 60 0.76 7.12 -17.91
CA ARG B 60 1.70 6.07 -17.53
C ARG B 60 1.10 5.09 -16.54
N LYS B 61 0.12 5.53 -15.72
CA LYS B 61 -0.50 4.65 -14.75
C LYS B 61 -1.67 3.90 -15.35
N SER B 62 -1.76 2.62 -15.06
CA SER B 62 -2.94 1.86 -15.42
C SER B 62 -3.83 1.72 -14.19
N ASN B 63 -5.08 1.32 -14.43
CA ASN B 63 -6.04 1.16 -13.34
C ASN B 63 -5.48 0.25 -12.25
N HIS B 64 -4.71 -0.77 -12.63
CA HIS B 64 -4.23 -1.71 -11.61
CA HIS B 64 -4.20 -1.72 -11.64
C HIS B 64 -3.10 -1.12 -10.76
N ASN B 65 -2.53 0.03 -11.13
CA ASN B 65 -1.52 0.65 -10.27
C ASN B 65 -2.10 1.26 -9.00
N PHE B 66 -3.41 1.45 -8.91
CA PHE B 66 -4.06 2.06 -7.75
C PHE B 66 -4.61 0.99 -6.83
N LEU B 67 -4.35 1.13 -5.54
CA LEU B 67 -4.96 0.28 -4.53
C LEU B 67 -5.79 1.18 -3.62
N VAL B 68 -7.09 0.94 -3.59
CA VAL B 68 -8.01 1.73 -2.78
C VAL B 68 -8.59 0.79 -1.74
N GLN B 69 -8.53 1.19 -0.47
CA GLN B 69 -8.98 0.35 0.64
C GLN B 69 -9.86 1.15 1.58
N ALA B 70 -11.01 0.57 1.92
CA ALA B 70 -11.90 1.09 2.96
C ALA B 70 -11.93 0.05 4.07
N GLY B 71 -11.02 0.18 5.04
CA GLY B 71 -10.89 -0.87 6.04
C GLY B 71 -10.38 -2.15 5.41
N ASN B 72 -11.08 -3.25 5.65
CA ASN B 72 -10.75 -4.52 4.98
C ASN B 72 -11.35 -4.62 3.59
N VAL B 73 -12.12 -3.63 3.14
CA VAL B 73 -12.76 -3.68 1.82
C VAL B 73 -11.82 -3.06 0.79
N GLN B 74 -11.56 -3.80 -0.28
CA GLN B 74 -10.72 -3.33 -1.38
C GLN B 74 -11.62 -2.93 -2.54
N LEU B 75 -11.38 -1.76 -3.11
CA LEU B 75 -12.18 -1.28 -4.24
C LEU B 75 -11.34 -1.36 -5.50
N ARG B 76 -11.87 -2.01 -6.53
CA ARG B 76 -11.16 -2.14 -7.79
C ARG B 76 -11.38 -0.89 -8.65
N VAL B 77 -10.28 -0.29 -9.11
CA VAL B 77 -10.34 0.88 -9.97
C VAL B 77 -10.58 0.40 -11.39
N ILE B 78 -11.63 0.94 -12.03
CA ILE B 78 -11.98 0.61 -13.40
C ILE B 78 -11.82 1.79 -14.35
N GLY B 79 -11.48 2.98 -13.83
CA GLY B 79 -11.24 4.14 -14.68
C GLY B 79 -10.56 5.24 -13.88
N HIS B 80 -9.76 6.09 -14.51
CA HIS B 80 -9.16 7.21 -13.80
C HIS B 80 -9.07 8.39 -14.74
N SER B 81 -9.48 9.56 -14.26
CA SER B 81 -9.37 10.78 -15.04
C SER B 81 -9.01 11.94 -14.13
N MET B 82 -8.54 13.02 -14.76
CA MET B 82 -8.08 14.23 -14.09
C MET B 82 -9.11 15.33 -14.27
N GLN B 83 -9.50 15.97 -13.18
CA GLN B 83 -10.31 17.18 -13.25
C GLN B 83 -9.56 18.27 -12.52
N ASN B 84 -8.93 19.17 -13.27
CA ASN B 84 -8.07 20.17 -12.67
C ASN B 84 -7.04 19.44 -11.80
N CYS B 85 -6.97 19.75 -10.50
CA CYS B 85 -5.96 19.16 -9.63
C CYS B 85 -6.47 17.98 -8.79
N VAL B 86 -7.63 17.42 -9.12
CA VAL B 86 -8.16 16.27 -8.41
CA VAL B 86 -8.15 16.26 -8.41
C VAL B 86 -8.27 15.10 -9.38
N LEU B 87 -7.94 13.93 -8.90
CA LEU B 87 -8.06 12.69 -9.64
C LEU B 87 -9.42 12.09 -9.29
N LYS B 88 -10.12 11.59 -10.30
CA LYS B 88 -11.40 10.91 -10.09
C LYS B 88 -11.20 9.45 -10.47
N LEU B 89 -11.22 8.57 -9.47
CA LEU B 89 -11.05 7.15 -9.71
C LEU B 89 -12.43 6.49 -9.72
N LYS B 90 -12.81 5.92 -10.86
CA LYS B 90 -14.07 5.20 -10.94
C LYS B 90 -13.85 3.78 -10.42
N VAL B 91 -14.69 3.34 -9.48
CA VAL B 91 -14.50 2.05 -8.84
C VAL B 91 -15.69 1.15 -9.15
N ASP B 92 -15.53 -0.14 -8.85
CA ASP B 92 -16.48 -1.15 -9.31
C ASP B 92 -17.69 -1.33 -8.38
N THR B 93 -17.88 -0.44 -7.41
CA THR B 93 -19.05 -0.48 -6.54
C THR B 93 -19.33 0.92 -6.01
N ALA B 94 -20.60 1.19 -5.70
CA ALA B 94 -21.04 2.45 -5.12
C ALA B 94 -21.01 2.36 -3.59
N ASN B 95 -20.64 3.46 -2.95
CA ASN B 95 -20.57 3.50 -1.50
C ASN B 95 -21.99 3.47 -0.92
N PRO B 96 -22.40 2.44 -0.20
CA PRO B 96 -23.77 2.42 0.33
C PRO B 96 -23.99 3.44 1.43
N LYS B 97 -22.94 4.01 2.01
CA LYS B 97 -23.05 5.04 3.02
C LYS B 97 -22.93 6.46 2.44
N THR B 98 -23.03 6.60 1.13
CA THR B 98 -23.00 7.92 0.51
C THR B 98 -24.11 8.78 1.13
N PRO B 99 -23.79 9.90 1.78
CA PRO B 99 -24.84 10.80 2.26
C PRO B 99 -25.38 11.66 1.13
N LYS B 100 -26.45 12.40 1.44
CA LYS B 100 -26.80 13.53 0.58
C LYS B 100 -25.67 14.55 0.64
N TYR B 101 -25.25 15.03 -0.52
CA TYR B 101 -24.10 15.92 -0.53
C TYR B 101 -24.20 16.87 -1.72
N LYS B 102 -23.43 17.95 -1.61
CA LYS B 102 -23.15 18.82 -2.74
C LYS B 102 -21.75 19.38 -2.56
N PHE B 103 -21.19 19.88 -3.65
CA PHE B 103 -19.89 20.55 -3.62
C PHE B 103 -20.11 22.06 -3.60
N VAL B 104 -19.40 22.76 -2.72
CA VAL B 104 -19.52 24.21 -2.67
C VAL B 104 -18.12 24.83 -2.68
N ARG B 105 -18.04 26.06 -3.16
CA ARG B 105 -16.80 26.83 -3.11
C ARG B 105 -17.00 27.95 -2.10
N ILE B 106 -16.18 27.97 -1.06
CA ILE B 106 -16.34 28.98 -0.02
C ILE B 106 -15.41 30.16 -0.25
N GLN B 107 -15.46 31.15 0.64
CA GLN B 107 -14.61 32.32 0.57
C GLN B 107 -13.81 32.49 1.85
N PRO B 108 -12.72 33.25 1.79
CA PRO B 108 -12.02 33.63 3.03
C PRO B 108 -13.00 34.21 4.04
N GLY B 109 -12.78 33.89 5.31
CA GLY B 109 -13.63 34.31 6.39
C GLY B 109 -14.66 33.28 6.82
N GLN B 110 -15.08 32.41 5.91
CA GLN B 110 -16.07 31.40 6.24
C GLN B 110 -15.44 30.21 6.96
N THR B 111 -16.21 29.61 7.87
CA THR B 111 -15.72 28.48 8.64
C THR B 111 -16.24 27.17 8.07
N PHE B 112 -15.51 26.10 8.36
CA PHE B 112 -15.89 24.76 7.95
C PHE B 112 -15.17 23.79 8.89
N SER B 113 -15.64 22.56 8.90
CA SER B 113 -15.08 21.52 9.73
C SER B 113 -14.14 20.67 8.89
N VAL B 114 -13.02 20.26 9.47
CA VAL B 114 -12.05 19.40 8.81
C VAL B 114 -11.99 18.08 9.54
N LEU B 115 -12.12 16.98 8.80
CA LEU B 115 -11.87 15.65 9.34
C LEU B 115 -10.44 15.29 8.94
N ALA B 116 -9.51 15.42 9.87
CA ALA B 116 -8.14 15.05 9.57
C ALA B 116 -8.04 13.53 9.60
N CYS B 117 -7.44 12.97 8.55
CA CYS B 117 -7.31 11.52 8.37
C CYS B 117 -5.87 11.20 8.05
N TYR B 118 -5.48 9.96 8.36
CA TYR B 118 -4.16 9.42 8.06
C TYR B 118 -4.33 7.98 7.59
N ASN B 119 -3.76 7.67 6.43
CA ASN B 119 -3.85 6.33 5.85
C ASN B 119 -5.30 5.89 5.72
N GLY B 120 -6.18 6.85 5.40
CA GLY B 120 -7.58 6.57 5.22
C GLY B 120 -8.40 6.46 6.49
N SER B 121 -7.81 6.76 7.65
CA SER B 121 -8.49 6.54 8.92
C SER B 121 -8.76 7.86 9.65
N PRO B 122 -10.01 8.17 9.97
CA PRO B 122 -10.32 9.42 10.66
C PRO B 122 -9.58 9.55 11.99
N SER B 123 -8.97 10.71 12.20
CA SER B 123 -8.14 10.92 13.36
C SER B 123 -8.68 11.99 14.31
N GLY B 124 -9.17 13.10 13.78
CA GLY B 124 -9.65 14.17 14.63
C GLY B 124 -10.51 15.10 13.81
N VAL B 125 -11.30 15.92 14.51
CA VAL B 125 -12.20 16.88 13.86
CA VAL B 125 -12.21 16.88 13.85
C VAL B 125 -11.97 18.25 14.47
N TYR B 126 -11.99 19.28 13.63
CA TYR B 126 -11.82 20.61 14.16
C TYR B 126 -12.35 21.63 13.17
N GLN B 127 -12.54 22.84 13.66
CA GLN B 127 -13.15 23.92 12.91
C GLN B 127 -12.07 24.89 12.49
N CYS B 128 -12.03 25.24 11.21
CA CYS B 128 -11.08 26.20 10.65
CA CYS B 128 -11.09 26.26 10.78
C CYS B 128 -11.81 27.30 9.93
N ALA B 129 -11.07 28.34 9.61
CA ALA B 129 -11.55 29.38 8.72
C ALA B 129 -10.45 29.62 7.70
N MET B 130 -10.87 29.95 6.49
CA MET B 130 -9.90 30.29 5.46
CA MET B 130 -9.95 30.31 5.43
C MET B 130 -9.46 31.73 5.65
N ARG B 131 -8.15 31.91 5.74
CA ARG B 131 -7.55 33.21 5.93
C ARG B 131 -7.55 34.00 4.62
N PRO B 132 -7.39 35.33 4.68
CA PRO B 132 -7.58 36.14 3.46
C PRO B 132 -6.64 35.79 2.31
N ASN B 133 -5.47 35.19 2.54
CA ASN B 133 -4.60 34.76 1.45
C ASN B 133 -4.91 33.33 0.99
N PHE B 134 -6.11 32.81 1.31
CA PHE B 134 -6.60 31.51 0.87
C PHE B 134 -5.86 30.33 1.47
N THR B 135 -5.12 30.54 2.56
CA THR B 135 -4.55 29.45 3.32
C THR B 135 -5.35 29.23 4.61
N ILE B 136 -5.14 28.07 5.23
CA ILE B 136 -5.72 27.76 6.52
C ILE B 136 -4.59 27.34 7.45
N LYS B 137 -4.73 27.71 8.73
CA LYS B 137 -3.77 27.30 9.76
C LYS B 137 -4.40 26.10 10.46
N GLY B 138 -4.24 24.93 9.85
CA GLY B 138 -4.83 23.71 10.34
C GLY B 138 -3.85 22.89 11.16
N SER B 139 -4.35 21.73 11.62
CA SER B 139 -3.56 20.77 12.38
C SER B 139 -3.37 19.52 11.51
N PHE B 140 -2.47 19.64 10.54
CA PHE B 140 -2.18 18.58 9.58
C PHE B 140 -0.73 18.17 9.74
N LEU B 141 -0.50 16.86 9.82
CA LEU B 141 0.83 16.30 9.78
C LEU B 141 1.03 15.62 8.44
N ASN B 142 2.17 14.96 8.28
CA ASN B 142 2.41 14.17 7.08
C ASN B 142 1.39 13.05 6.99
N GLY B 143 0.90 12.81 5.78
CA GLY B 143 -0.08 11.78 5.57
C GLY B 143 -1.51 12.26 5.61
N SER B 144 -1.73 13.54 5.90
CA SER B 144 -3.07 14.12 5.95
C SER B 144 -3.59 14.56 4.59
N CYS B 145 -2.74 14.50 3.55
CA CYS B 145 -3.12 14.89 2.20
C CYS B 145 -4.44 14.22 1.79
N GLY B 146 -5.39 15.03 1.29
CA GLY B 146 -6.69 14.51 0.89
C GLY B 146 -7.78 14.49 1.96
N SER B 147 -7.47 14.86 3.21
CA SER B 147 -8.51 15.13 4.20
C SER B 147 -9.46 16.21 3.67
N VAL B 148 -10.74 16.16 4.08
CA VAL B 148 -11.71 17.09 3.49
C VAL B 148 -12.27 18.00 4.57
N GLY B 149 -12.77 19.15 4.10
CA GLY B 149 -13.54 20.06 4.90
C GLY B 149 -14.98 20.13 4.42
N PHE B 150 -15.89 20.37 5.37
CA PHE B 150 -17.30 20.26 5.07
C PHE B 150 -18.08 21.12 6.06
N ASN B 151 -19.30 21.46 5.65
CA ASN B 151 -20.33 21.92 6.58
C ASN B 151 -21.52 21.01 6.45
N ILE B 152 -22.41 21.07 7.43
CA ILE B 152 -23.66 20.33 7.37
C ILE B 152 -24.80 21.34 7.37
N ASP B 153 -25.58 21.38 6.29
CA ASP B 153 -26.79 22.20 6.18
C ASP B 153 -27.95 21.23 6.21
N TYR B 154 -28.55 21.05 7.39
CA TYR B 154 -29.68 20.15 7.57
C TYR B 154 -29.18 18.71 7.53
N ASP B 155 -29.63 17.92 6.55
CA ASP B 155 -29.14 16.55 6.41
C ASP B 155 -28.13 16.41 5.27
N CYS B 156 -27.77 17.51 4.63
CA CYS B 156 -26.89 17.51 3.48
C CYS B 156 -25.47 17.91 3.89
N VAL B 157 -24.49 17.13 3.47
CA VAL B 157 -23.08 17.43 3.69
C VAL B 157 -22.59 18.28 2.52
N SER B 158 -22.09 19.48 2.80
CA SER B 158 -21.50 20.36 1.78
C SER B 158 -19.97 20.27 1.84
N PHE B 159 -19.37 19.59 0.88
CA PHE B 159 -17.90 19.48 0.84
C PHE B 159 -17.31 20.73 0.22
N CYS B 160 -16.44 21.43 0.95
CA CYS B 160 -15.90 22.67 0.43
C CYS B 160 -14.39 22.68 0.27
N TYR B 161 -13.69 21.66 0.71
CA TYR B 161 -12.25 21.77 0.79
C TYR B 161 -11.61 20.39 0.76
N MET B 162 -10.52 20.27 0.03
CA MET B 162 -9.72 19.05 0.11
C MET B 162 -8.27 19.48 0.28
N HIS B 163 -7.63 18.93 1.31
CA HIS B 163 -6.26 19.30 1.64
C HIS B 163 -5.26 18.72 0.63
N HIS B 164 -4.35 19.56 0.12
CA HIS B 164 -3.27 19.10 -0.75
C HIS B 164 -1.90 19.21 -0.11
N MET B 165 -1.55 20.34 0.49
CA MET B 165 -0.14 20.49 0.79
C MET B 165 0.09 21.52 1.88
N GLU B 166 1.21 21.35 2.59
CA GLU B 166 1.67 22.34 3.54
C GLU B 166 2.71 23.24 2.89
N LEU B 167 2.62 24.52 3.17
CA LEU B 167 3.54 25.47 2.57
C LEU B 167 4.70 25.76 3.51
N PRO B 168 5.83 26.25 2.95
CA PRO B 168 7.03 26.51 3.77
C PRO B 168 6.73 27.18 5.10
N THR B 169 5.89 28.22 5.09
CA THR B 169 5.53 28.96 6.30
C THR B 169 4.61 28.18 7.27
N GLY B 170 4.35 26.88 7.10
CA GLY B 170 3.55 26.13 8.05
C GLY B 170 2.05 26.25 7.86
N VAL B 171 1.58 26.94 6.83
CA VAL B 171 0.15 27.03 6.54
C VAL B 171 -0.19 26.01 5.46
N HIS B 172 -1.48 25.89 5.14
CA HIS B 172 -1.94 24.79 4.30
C HIS B 172 -2.81 25.29 3.16
N ALA B 173 -2.74 24.55 2.05
CA ALA B 173 -3.36 24.92 0.78
C ALA B 173 -4.11 23.70 0.25
N GLY B 174 -5.24 23.98 -0.40
CA GLY B 174 -6.03 22.92 -0.99
C GLY B 174 -6.98 23.45 -2.04
N THR B 175 -7.84 22.55 -2.51
CA THR B 175 -8.75 22.80 -3.62
C THR B 175 -10.19 22.64 -3.16
N ASP B 176 -11.12 23.04 -4.03
CA ASP B 176 -12.50 22.61 -3.85
C ASP B 176 -12.64 21.21 -4.46
N LEU B 177 -13.87 20.67 -4.48
CA LEU B 177 -14.03 19.29 -4.98
C LEU B 177 -14.18 19.24 -6.50
N GLU B 178 -14.12 20.38 -7.17
CA GLU B 178 -13.90 20.48 -8.61
C GLU B 178 -12.42 20.47 -8.96
N GLY B 179 -11.53 20.48 -7.97
CA GLY B 179 -10.11 20.44 -8.18
C GLY B 179 -9.42 21.78 -8.41
N ASN B 180 -10.10 22.90 -8.20
CA ASN B 180 -9.47 24.20 -8.38
C ASN B 180 -8.93 24.71 -7.05
N PHE B 181 -7.65 25.11 -7.06
CA PHE B 181 -7.06 25.56 -5.81
C PHE B 181 -7.79 26.78 -5.28
N TYR B 182 -7.81 26.91 -3.95
CA TYR B 182 -8.11 28.17 -3.31
C TYR B 182 -6.82 28.99 -3.33
N GLY B 183 -6.82 30.10 -4.05
CA GLY B 183 -5.63 30.91 -4.12
C GLY B 183 -4.73 30.56 -5.29
N PRO B 184 -3.57 31.23 -5.35
CA PRO B 184 -2.72 31.11 -6.55
C PRO B 184 -1.68 29.99 -6.45
N PHE B 185 -2.08 28.86 -5.92
CA PHE B 185 -1.13 27.79 -5.63
C PHE B 185 -1.20 26.70 -6.68
N VAL B 186 -0.10 25.97 -6.80
CA VAL B 186 0.05 24.91 -7.79
C VAL B 186 0.58 23.67 -7.08
N ASP B 187 0.13 22.49 -7.54
CA ASP B 187 0.36 21.25 -6.76
C ASP B 187 1.68 20.63 -7.19
N ARG B 188 2.75 21.20 -6.62
CA ARG B 188 4.08 20.66 -6.77
C ARG B 188 4.91 21.20 -5.60
N GLN B 189 6.20 20.83 -5.58
CA GLN B 189 7.18 21.41 -4.64
C GLN B 189 8.04 22.40 -5.45
N THR B 190 7.71 23.68 -5.35
CA THR B 190 8.39 24.72 -6.13
C THR B 190 8.18 26.10 -5.53
N GLY C 1 -18.33 -22.06 12.30
CA GLY C 1 -17.22 -21.13 12.28
C GLY C 1 -16.29 -21.23 11.08
N THR C 2 -16.52 -20.36 10.07
CA THR C 2 -15.73 -20.34 8.85
C THR C 2 -15.24 -18.92 8.60
N ASP C 3 -14.02 -18.79 8.09
CA ASP C 3 -13.49 -17.49 7.70
C ASP C 3 -14.30 -16.95 6.53
N THR C 4 -14.78 -15.71 6.62
CA THR C 4 -15.58 -15.11 5.55
C THR C 4 -14.88 -13.93 4.88
N THR C 5 -13.55 -13.84 5.01
CA THR C 5 -12.80 -12.78 4.33
C THR C 5 -12.95 -12.90 2.81
N LEU C 6 -13.48 -11.85 2.20
CA LEU C 6 -13.68 -11.81 0.75
C LEU C 6 -12.36 -11.96 0.01
N GLU C 7 -12.32 -12.87 -0.95
CA GLU C 7 -11.13 -13.06 -1.77
C GLU C 7 -11.16 -12.15 -3.00
N HIS C 8 -10.07 -11.39 -3.19
CA HIS C 8 -9.85 -10.54 -4.34
C HIS C 8 -8.68 -11.12 -5.11
N HIS C 9 -8.90 -11.41 -6.39
CA HIS C 9 -7.87 -11.95 -7.25
C HIS C 9 -6.85 -10.87 -7.63
C11 7YY D . 3.82 -4.80 2.80
C13 7YY D . 1.61 -5.44 2.53
C14 7YY D . 0.56 -4.65 2.09
C15 7YY D . -0.46 -5.20 1.30
C01 7YY D . 7.85 0.22 0.16
N02 7YY D . 8.31 -1.15 0.35
C03 7YY D . 9.53 -1.67 0.19
N04 7YY D . 9.54 -2.96 0.49
C05 7YY D . 8.25 -3.19 0.83
C06 7YY D . 7.78 -4.56 1.22
N07 7YY D . 6.40 -4.65 1.77
C08 7YY D . 5.37 -5.01 0.90
O09 7YY D . 5.56 -5.29 -0.27
N10 7YY D . 4.14 -5.07 1.48
N12 7YY D . 2.65 -4.92 3.31
C16 7YY D . -1.62 -4.72 0.68
N17 7YY D . -2.17 -5.76 0.04
C18 7YY D . -3.41 -5.75 -0.74
N19 7YY D . -1.49 -6.92 0.16
C20 7YY D . -0.42 -6.60 0.94
C21 7YY D . 0.62 -7.43 1.40
C22 7YY D . 1.62 -6.84 2.14
CL2 7YY D . 2.94 -7.88 2.70
N24 7YY D . 4.89 -4.35 3.57
C25 7YY D . 4.68 -4.03 4.99
C26 7YY D . 4.98 -5.21 5.90
C27 7YY D . 5.04 -5.00 7.27
F28 7YY D . 4.81 -3.75 7.73
C29 7YY D . 5.29 -6.01 8.20
C30 7YY D . 5.53 -7.28 7.70
F31 7YY D . 5.79 -8.29 8.55
C32 7YY D . 5.47 -7.53 6.33
F33 7YY D . 5.68 -8.79 5.89
C34 7YY D . 5.21 -6.51 5.44
C35 7YY D . 6.20 -4.27 3.09
O36 7YY D . 7.12 -3.89 3.81
N37 7YY D . 7.45 -2.13 0.77
C11 7YY E . 2.66 15.22 1.00
C13 7YY E . 3.37 13.21 0.08
C14 7YY E . 4.46 12.46 0.49
C15 7YY E . 4.38 11.05 0.44
C01 7YY E . 3.62 18.46 6.99
N02 7YY E . 2.33 18.39 6.32
C03 7YY E . 1.19 19.01 6.65
N04 7YY E . 0.22 18.70 5.79
C05 7YY E . 0.86 17.86 4.92
C06 7YY E . 0.14 17.25 3.76
N07 7YY E . 0.98 16.55 2.78
C08 7YY E . 1.05 15.16 2.86
O09 7YY E . 0.39 14.49 3.65
N10 7YY E . 1.88 14.57 1.94
N12 7YY E . 3.39 14.62 0.13
C16 7YY E . 5.24 9.99 0.76
N17 7YY E . 4.56 8.86 0.48
C18 7YY E . 5.06 7.50 0.65
N19 7YY E . 3.31 9.06 0.01
C20 7YY E . 3.19 10.40 -0.01
C21 7YY E . 2.08 11.17 -0.45
C22 7YY E . 2.17 12.53 -0.35
CL2 7YY E . 0.80 13.50 -0.87
N24 7YY E . 2.61 16.61 1.06
C25 7YY E . 3.40 17.39 0.10
C26 7YY E . 2.62 17.80 -1.14
C27 7YY E . 3.17 18.76 -1.98
F28 7YY E . 4.37 19.29 -1.65
C29 7YY E . 2.54 19.22 -3.14
C30 7YY E . 1.31 18.67 -3.46
F31 7YY E . 0.66 19.07 -4.56
C32 7YY E . 0.74 17.69 -2.64
F33 7YY E . -0.47 17.17 -2.98
C34 7YY E . 1.38 17.26 -1.48
C35 7YY E . 1.78 17.31 1.93
O36 7YY E . 1.74 18.54 1.93
N37 7YY E . 2.14 17.63 5.20
#